data_7VUQ
#
_entry.id   7VUQ
#
_cell.length_a   84.453
_cell.length_b   84.627
_cell.length_c   139.427
_cell.angle_alpha   90.000
_cell.angle_beta   90.000
_cell.angle_gamma   90.000
#
_symmetry.space_group_name_H-M   'P 21 21 21'
#
loop_
_entity.id
_entity.type
_entity.pdbx_description
1 polymer 'Nuclear factor NF-kappa-B p52 subunit'
2 polymer "DNA (5'-D(*GP*AP*AP*GP*GP*GP*GP*GP*TP*AP*AP*CP*CP*CP*CP*TP*TP*G)-3')"
3 polymer "DNA (5'-D(*CP*AP*AP*GP*GP*GP*GP*TP*TP*AP*CP*CP*CP*CP*CP*TP*T)-3')"
#
loop_
_entity_poly.entity_id
_entity_poly.type
_entity_poly.pdbx_seq_one_letter_code
_entity_poly.pdbx_strand_id
1 'polypeptide(L)'
;MESCYNPGLDGIIEYDDFKLNSSIVEPKEPAPETADGPYLVIVEQPKQRGFRFRYGCEGPSHGGLPGASSEKGRKTYPTV
KICNYEGPAKIEVDLVTHSDPPRAHAHSLVGKQCSELGICAVSVGPKDMTAQFNNLGVLHVTKKNMMGTMIQKLQRQRLR
SRPQGLTEAEQRELEQEAKELKKVMDLSIVRLRFSAFLRASDGSFSLPLKPVISQPIHDSKSPGASNLKISRMDKTAGSV
RGGDEVYLLCDKVQKDDIEVRFYEDDENGWQAFGDFSPTDVHKQYAIVFRTPPYHKMKIERPVTVFLQLKRKRGGDVSDS
KQFTYYPLVEDKEEVQRKRRKALPTFSQPFGGGSHMGGGSGGAAGGYGGAGGGGSLGFFPSSLAYSPYQSGAGPMGCY
;
B,A
2 'polydeoxyribonucleotide' (DG)(DA)(DA)(DG)(DG)(DG)(DG)(DG)(DT)(DA)(DA)(DC)(DC)(DC)(DC)(DT)(DT)(DG) D
3 'polydeoxyribonucleotide' (DC)(DA)(DA)(DG)(DG)(DG)(DG)(DT)(DT)(DA)(DC)(DC)(DC)(DC)(DC)(DT)(DT)(DC) C
#
# COMPACT_ATOMS: atom_id res chain seq x y z
N THR A 34 -46.83 -0.37 -5.91
CA THR A 34 -47.45 0.97 -6.21
C THR A 34 -48.12 0.88 -7.59
N ALA A 35 -47.36 0.51 -8.62
CA ALA A 35 -47.87 0.22 -9.98
C ALA A 35 -48.77 -1.03 -9.92
N ASP A 36 -49.86 -1.06 -10.70
CA ASP A 36 -50.81 -2.19 -10.68
C ASP A 36 -50.18 -3.39 -11.40
N GLY A 37 -49.50 -3.14 -12.52
CA GLY A 37 -48.95 -4.15 -13.43
C GLY A 37 -47.82 -4.99 -12.81
N PRO A 38 -47.27 -5.99 -13.54
CA PRO A 38 -46.14 -6.81 -13.07
C PRO A 38 -44.84 -6.00 -12.97
N TYR A 39 -44.00 -6.29 -11.98
CA TYR A 39 -42.84 -5.42 -11.71
C TYR A 39 -41.74 -6.26 -11.05
N LEU A 40 -40.52 -5.78 -11.08
CA LEU A 40 -39.41 -6.50 -10.40
C LEU A 40 -39.13 -5.77 -9.10
N VAL A 41 -38.69 -6.50 -8.08
CA VAL A 41 -38.30 -5.86 -6.80
C VAL A 41 -37.03 -6.52 -6.32
N ILE A 42 -36.09 -5.72 -5.86
CA ILE A 42 -34.83 -6.25 -5.27
C ILE A 42 -35.13 -6.72 -3.85
N VAL A 43 -35.15 -8.03 -3.65
CA VAL A 43 -35.42 -8.68 -2.34
C VAL A 43 -34.23 -8.46 -1.40
N GLU A 44 -33.04 -8.47 -1.96
CA GLU A 44 -31.73 -8.32 -1.26
C GLU A 44 -30.76 -7.57 -2.16
N GLN A 45 -30.52 -6.29 -1.83
CA GLN A 45 -29.55 -5.45 -2.57
C GLN A 45 -28.12 -5.97 -2.43
N PRO A 46 -27.19 -5.59 -3.34
CA PRO A 46 -25.81 -6.01 -3.15
C PRO A 46 -25.18 -5.21 -2.01
N LYS A 47 -24.05 -5.71 -1.52
CA LYS A 47 -23.10 -5.06 -0.58
C LYS A 47 -22.70 -3.72 -1.14
N GLN A 48 -23.01 -2.63 -0.45
CA GLN A 48 -22.70 -1.28 -0.99
C GLN A 48 -21.21 -0.99 -0.80
N ARG A 49 -20.64 -1.70 0.14
CA ARG A 49 -19.18 -1.59 0.47
C ARG A 49 -18.54 -2.95 0.67
N GLY A 50 -17.26 -3.03 0.27
CA GLY A 50 -16.41 -4.15 0.70
C GLY A 50 -16.26 -5.23 -0.34
N PHE A 51 -16.88 -5.01 -1.52
CA PHE A 51 -16.63 -5.90 -2.69
C PHE A 51 -15.48 -5.38 -3.53
N ARG A 52 -14.60 -6.31 -3.88
CA ARG A 52 -13.47 -6.01 -4.77
C ARG A 52 -13.83 -6.28 -6.23
N PHE A 53 -13.57 -5.30 -7.09
CA PHE A 53 -13.68 -5.43 -8.55
C PHE A 53 -12.36 -6.05 -8.99
N ARG A 54 -12.42 -7.07 -9.83
CA ARG A 54 -11.20 -7.75 -10.31
C ARG A 54 -10.84 -7.39 -11.75
N TYR A 55 -9.55 -7.25 -12.03
CA TYR A 55 -9.08 -6.97 -13.40
C TYR A 55 -9.03 -8.28 -14.16
N GLY A 56 -9.10 -8.19 -15.48
CA GLY A 56 -9.02 -9.34 -16.39
C GLY A 56 -7.85 -10.25 -16.06
N CYS A 57 -6.75 -9.68 -15.59
CA CYS A 57 -5.54 -10.48 -15.35
C CYS A 57 -5.61 -11.37 -14.10
N GLU A 58 -6.41 -10.97 -13.13
CA GLU A 58 -6.34 -11.56 -11.77
C GLU A 58 -6.92 -12.96 -11.72
N GLY A 59 -7.67 -13.39 -12.73
CA GLY A 59 -8.18 -14.76 -12.71
C GLY A 59 -9.67 -14.79 -12.44
N PRO A 60 -10.36 -15.84 -12.93
CA PRO A 60 -11.80 -15.75 -13.19
C PRO A 60 -12.77 -15.81 -12.01
N SER A 61 -12.50 -16.64 -11.01
CA SER A 61 -13.36 -16.66 -9.80
C SER A 61 -12.52 -16.22 -8.65
N HIS A 62 -12.92 -15.14 -8.00
CA HIS A 62 -12.26 -14.59 -6.80
C HIS A 62 -13.28 -14.27 -5.72
N GLY A 63 -14.49 -14.80 -5.88
CA GLY A 63 -15.63 -14.40 -5.02
C GLY A 63 -16.75 -13.79 -5.84
N GLY A 64 -17.97 -13.96 -5.36
CA GLY A 64 -19.13 -13.37 -6.04
C GLY A 64 -19.73 -12.22 -5.25
N LEU A 65 -20.27 -11.21 -5.92
CA LEU A 65 -20.88 -10.05 -5.28
C LEU A 65 -21.91 -10.61 -4.31
N PRO A 66 -21.71 -10.43 -3.00
CA PRO A 66 -22.69 -10.87 -1.98
C PRO A 66 -23.85 -9.89 -1.70
N GLY A 67 -24.80 -10.33 -0.87
CA GLY A 67 -25.95 -9.48 -0.51
C GLY A 67 -25.58 -8.56 0.64
N ALA A 68 -26.44 -7.58 0.93
CA ALA A 68 -26.11 -6.50 1.87
C ALA A 68 -26.12 -7.03 3.29
N SER A 69 -26.70 -8.21 3.48
CA SER A 69 -26.82 -8.87 4.78
C SER A 69 -25.96 -10.14 4.93
N SER A 70 -24.95 -10.34 4.07
CA SER A 70 -24.02 -11.48 4.21
C SER A 70 -23.16 -11.28 5.47
N GLU A 71 -22.94 -12.35 6.23
CA GLU A 71 -21.86 -12.49 7.25
C GLU A 71 -21.13 -13.78 6.92
N LYS A 72 -20.09 -14.12 7.68
CA LYS A 72 -19.19 -15.28 7.42
C LYS A 72 -20.00 -16.59 7.44
N GLY A 73 -20.90 -16.74 8.41
CA GLY A 73 -21.79 -17.91 8.55
C GLY A 73 -22.91 -17.86 7.53
N ARG A 74 -23.81 -16.89 7.68
CA ARG A 74 -24.91 -16.58 6.72
C ARG A 74 -24.33 -15.77 5.56
N LYS A 75 -24.23 -16.39 4.39
CA LYS A 75 -23.99 -15.64 3.14
C LYS A 75 -25.31 -15.44 2.40
N THR A 76 -25.46 -14.26 1.83
CA THR A 76 -26.62 -13.91 1.01
C THR A 76 -26.07 -13.24 -0.25
N TYR A 77 -26.84 -13.28 -1.31
CA TYR A 77 -26.46 -12.76 -2.65
C TYR A 77 -27.59 -11.85 -3.11
N PRO A 78 -27.31 -10.92 -4.03
CA PRO A 78 -28.39 -10.10 -4.60
C PRO A 78 -29.57 -10.95 -5.10
N THR A 79 -30.79 -10.60 -4.67
CA THR A 79 -32.00 -11.36 -5.02
C THR A 79 -33.07 -10.37 -5.46
N VAL A 80 -33.87 -10.82 -6.40
CA VAL A 80 -34.97 -10.02 -6.98
C VAL A 80 -36.15 -10.94 -7.18
N LYS A 81 -37.34 -10.36 -7.32
CA LYS A 81 -38.53 -11.21 -7.51
C LYS A 81 -39.44 -10.49 -8.50
N ILE A 82 -40.12 -11.27 -9.32
CA ILE A 82 -41.13 -10.75 -10.25
C ILE A 82 -42.46 -10.82 -9.51
N CYS A 83 -42.91 -9.69 -9.04
CA CYS A 83 -44.20 -9.58 -8.32
C CYS A 83 -45.30 -9.26 -9.33
N ASN A 84 -46.52 -9.66 -9.01
CA ASN A 84 -47.76 -9.40 -9.77
C ASN A 84 -47.82 -10.24 -11.03
N TYR A 85 -47.16 -11.39 -11.04
CA TYR A 85 -47.29 -12.39 -12.12
C TYR A 85 -46.61 -13.67 -11.68
N GLU A 86 -47.18 -14.81 -12.10
CA GLU A 86 -46.65 -16.18 -11.88
C GLU A 86 -46.57 -16.88 -13.24
N GLY A 87 -45.39 -17.35 -13.63
CA GLY A 87 -45.17 -17.97 -14.95
C GLY A 87 -43.71 -17.90 -15.37
N PRO A 88 -43.38 -18.41 -16.58
CA PRO A 88 -41.99 -18.46 -17.01
C PRO A 88 -41.46 -17.07 -17.40
N ALA A 89 -40.26 -16.74 -16.96
CA ALA A 89 -39.76 -15.37 -17.13
C ALA A 89 -38.25 -15.38 -17.05
N LYS A 90 -37.66 -14.30 -17.58
CA LYS A 90 -36.21 -14.21 -17.76
C LYS A 90 -35.77 -12.88 -17.17
N ILE A 91 -34.87 -12.93 -16.19
CA ILE A 91 -34.30 -11.73 -15.52
C ILE A 91 -32.81 -11.65 -15.90
N GLU A 92 -32.37 -10.45 -16.28
CA GLU A 92 -30.97 -10.23 -16.62
C GLU A 92 -30.44 -9.00 -15.89
N VAL A 93 -29.17 -9.06 -15.53
CA VAL A 93 -28.47 -7.96 -14.81
C VAL A 93 -27.33 -7.51 -15.67
N ASP A 94 -27.01 -6.21 -15.57
CA ASP A 94 -25.86 -5.58 -16.22
C ASP A 94 -25.45 -4.38 -15.37
N LEU A 95 -24.24 -3.93 -15.58
CA LEU A 95 -23.71 -2.78 -14.81
C LEU A 95 -24.04 -1.42 -15.43
N VAL A 96 -24.68 -0.57 -14.67
CA VAL A 96 -25.00 0.81 -15.08
C VAL A 96 -24.28 1.83 -14.23
N THR A 97 -24.13 3.02 -14.78
CA THR A 97 -23.48 4.14 -14.05
C THR A 97 -24.18 4.47 -12.74
N HIS A 98 -23.42 5.15 -11.91
CA HIS A 98 -23.81 5.70 -10.59
C HIS A 98 -24.76 6.86 -10.81
N SER A 99 -24.58 7.54 -11.94
CA SER A 99 -25.43 8.65 -12.38
C SER A 99 -26.85 8.15 -12.66
N ASP A 100 -27.86 8.91 -12.24
CA ASP A 100 -29.24 8.41 -12.24
C ASP A 100 -29.67 8.15 -13.68
N PRO A 101 -29.38 9.02 -14.67
CA PRO A 101 -29.66 8.62 -16.04
C PRO A 101 -28.81 7.36 -16.23
N PRO A 102 -29.42 6.16 -16.18
CA PRO A 102 -28.60 4.93 -16.08
C PRO A 102 -28.00 4.60 -17.44
N ARG A 103 -26.70 4.75 -17.57
CA ARG A 103 -26.09 4.34 -18.83
C ARG A 103 -25.20 3.15 -18.51
N ALA A 104 -25.02 2.27 -19.49
CA ALA A 104 -24.09 1.11 -19.41
C ALA A 104 -22.69 1.50 -18.91
N HIS A 105 -22.16 0.71 -17.99
CA HIS A 105 -20.82 0.94 -17.41
C HIS A 105 -19.74 0.23 -18.25
N ALA A 106 -18.54 0.79 -18.23
CA ALA A 106 -17.35 0.24 -18.91
C ALA A 106 -17.08 -1.15 -18.34
N HIS A 107 -17.41 -1.34 -17.08
CA HIS A 107 -17.24 -2.61 -16.33
C HIS A 107 -18.24 -3.64 -16.82
N SER A 108 -17.86 -4.92 -16.78
CA SER A 108 -18.74 -6.04 -17.18
C SER A 108 -18.93 -7.05 -16.03
N LEU A 109 -20.08 -7.69 -15.99
CA LEU A 109 -20.29 -8.78 -15.01
C LEU A 109 -19.67 -10.04 -15.57
N VAL A 110 -18.86 -10.74 -14.79
CA VAL A 110 -18.37 -12.06 -15.26
C VAL A 110 -18.94 -13.17 -14.35
N GLY A 111 -19.38 -14.30 -14.86
CA GLY A 111 -20.06 -15.24 -13.94
C GLY A 111 -20.36 -16.53 -14.59
N LYS A 112 -20.90 -17.50 -13.81
CA LYS A 112 -21.27 -18.83 -14.34
C LYS A 112 -22.48 -18.69 -15.28
N GLN A 113 -23.21 -17.59 -15.18
CA GLN A 113 -24.50 -17.38 -15.86
C GLN A 113 -24.45 -16.17 -16.81
N CYS A 114 -23.32 -15.78 -17.37
CA CYS A 114 -23.18 -14.44 -18.02
C CYS A 114 -22.78 -14.56 -19.49
N SER A 115 -23.28 -13.65 -20.31
CA SER A 115 -22.77 -13.22 -21.63
C SER A 115 -21.41 -12.55 -21.48
N GLU A 116 -20.74 -12.59 -22.60
CA GLU A 116 -19.41 -11.98 -22.82
C GLU A 116 -19.53 -10.49 -23.13
N LEU A 117 -20.68 -9.89 -22.83
CA LEU A 117 -21.00 -8.45 -22.93
C LEU A 117 -21.19 -7.94 -21.52
N GLY A 118 -21.30 -8.84 -20.54
CA GLY A 118 -21.52 -8.42 -19.16
C GLY A 118 -22.97 -8.56 -18.77
N ILE A 119 -23.75 -9.39 -19.46
CA ILE A 119 -25.20 -9.48 -19.20
C ILE A 119 -25.49 -10.84 -18.60
N CYS A 120 -26.07 -10.85 -17.41
CA CYS A 120 -26.24 -12.12 -16.69
C CYS A 120 -27.74 -12.43 -16.68
N ALA A 121 -28.08 -13.67 -16.88
CA ALA A 121 -29.44 -14.07 -17.27
C ALA A 121 -29.83 -15.27 -16.43
N VAL A 122 -30.98 -15.14 -15.79
CA VAL A 122 -31.65 -16.32 -15.20
C VAL A 122 -33.12 -16.47 -15.61
N SER A 123 -33.59 -17.69 -15.39
CA SER A 123 -34.94 -18.12 -15.75
C SER A 123 -35.69 -18.37 -14.44
N VAL A 124 -36.85 -17.75 -14.23
CA VAL A 124 -37.69 -18.09 -13.05
C VAL A 124 -38.81 -19.04 -13.49
N GLY A 125 -38.84 -20.18 -12.80
CA GLY A 125 -39.93 -21.20 -12.89
C GLY A 125 -41.35 -20.70 -12.62
N PRO A 126 -42.39 -21.34 -13.20
CA PRO A 126 -43.75 -20.87 -13.01
C PRO A 126 -44.19 -20.83 -11.55
N LYS A 127 -43.40 -21.46 -10.69
CA LYS A 127 -43.70 -21.49 -9.23
C LYS A 127 -42.80 -20.52 -8.50
N ASP A 128 -41.50 -20.55 -8.78
CA ASP A 128 -40.53 -19.71 -8.05
C ASP A 128 -40.24 -18.46 -8.87
N MET A 129 -40.68 -17.30 -8.37
CA MET A 129 -40.58 -16.05 -9.12
C MET A 129 -39.43 -15.22 -8.57
N THR A 130 -38.55 -15.85 -7.83
CA THR A 130 -37.39 -15.16 -7.20
C THR A 130 -36.09 -15.65 -7.82
N ALA A 131 -35.20 -14.73 -8.15
CA ALA A 131 -33.91 -15.04 -8.78
C ALA A 131 -32.81 -14.60 -7.85
N GLN A 132 -31.96 -15.54 -7.50
CA GLN A 132 -30.72 -15.28 -6.70
C GLN A 132 -29.54 -15.27 -7.67
N PHE A 133 -28.61 -14.33 -7.55
CA PHE A 133 -27.43 -14.25 -8.40
C PHE A 133 -26.20 -14.43 -7.53
N ASN A 134 -25.83 -15.68 -7.33
CA ASN A 134 -24.87 -16.07 -6.27
C ASN A 134 -23.44 -16.01 -6.74
N ASN A 135 -23.20 -15.98 -8.04
CA ASN A 135 -21.82 -15.88 -8.58
C ASN A 135 -21.72 -14.73 -9.59
N LEU A 136 -21.68 -13.54 -9.06
CA LEU A 136 -21.48 -12.31 -9.85
C LEU A 136 -20.13 -11.67 -9.55
N GLY A 137 -19.27 -11.53 -10.56
CA GLY A 137 -18.05 -10.74 -10.42
C GLY A 137 -18.17 -9.46 -11.19
N VAL A 138 -17.25 -8.53 -10.95
CA VAL A 138 -17.17 -7.25 -11.69
C VAL A 138 -15.79 -7.22 -12.31
N LEU A 139 -15.72 -7.30 -13.63
CA LEU A 139 -14.45 -7.23 -14.36
C LEU A 139 -14.08 -5.77 -14.45
N HIS A 140 -12.95 -5.39 -13.88
CA HIS A 140 -12.50 -3.98 -13.93
C HIS A 140 -11.76 -3.63 -15.23
N VAL A 141 -12.29 -2.69 -15.99
CA VAL A 141 -11.67 -2.32 -17.29
C VAL A 141 -10.45 -1.48 -17.01
N THR A 142 -9.43 -1.67 -17.83
CA THR A 142 -8.21 -0.83 -17.86
C THR A 142 -8.60 0.47 -18.53
N LYS A 143 -7.94 1.58 -18.18
CA LYS A 143 -8.30 2.89 -18.75
C LYS A 143 -7.95 2.87 -20.24
N LYS A 144 -7.00 2.03 -20.61
CA LYS A 144 -6.55 1.95 -22.01
C LYS A 144 -7.46 0.97 -22.73
N ASN A 145 -8.33 0.30 -21.99
CA ASN A 145 -9.33 -0.62 -22.56
C ASN A 145 -10.67 0.06 -22.70
N MET A 146 -10.88 1.05 -21.87
CA MET A 146 -12.21 1.66 -21.66
C MET A 146 -12.91 2.07 -22.96
N MET A 147 -12.20 2.76 -23.85
CA MET A 147 -12.89 3.20 -25.10
C MET A 147 -13.47 2.03 -25.90
N GLY A 148 -12.58 1.14 -26.34
CA GLY A 148 -13.00 -0.01 -27.15
C GLY A 148 -14.08 -0.84 -26.47
N THR A 149 -13.99 -1.01 -25.16
CA THR A 149 -15.02 -1.75 -24.39
C THR A 149 -16.30 -0.94 -24.42
N MET A 150 -16.15 0.38 -24.37
CA MET A 150 -17.29 1.31 -24.46
C MET A 150 -17.96 1.28 -25.85
N ILE A 151 -17.22 1.45 -26.95
CA ILE A 151 -17.86 1.44 -28.31
C ILE A 151 -18.53 0.09 -28.54
N GLN A 152 -17.93 -0.98 -28.02
CA GLN A 152 -18.44 -2.36 -28.19
C GLN A 152 -19.77 -2.61 -27.46
N LYS A 153 -19.95 -2.03 -26.29
CA LYS A 153 -21.20 -2.19 -25.52
C LYS A 153 -22.25 -1.25 -26.09
N LEU A 154 -21.78 -0.16 -26.70
CA LEU A 154 -22.66 0.90 -27.26
C LEU A 154 -23.25 0.47 -28.60
N GLN A 155 -22.49 -0.35 -29.34
CA GLN A 155 -22.90 -0.92 -30.64
C GLN A 155 -23.99 -1.91 -30.31
N ARG A 156 -23.63 -2.83 -29.44
CA ARG A 156 -24.53 -3.88 -28.98
C ARG A 156 -25.84 -3.25 -28.54
N GLN A 157 -25.75 -2.08 -27.90
CA GLN A 157 -26.96 -1.41 -27.41
C GLN A 157 -27.76 -0.92 -28.60
N ARG A 158 -27.15 -0.13 -29.48
CA ARG A 158 -27.85 0.36 -30.68
C ARG A 158 -27.62 -0.55 -31.89
N LEU A 159 -28.14 -1.79 -31.87
CA LEU A 159 -28.19 -2.79 -32.97
C LEU A 159 -29.65 -3.15 -33.30
N ARG A 160 -30.60 -2.80 -32.43
CA ARG A 160 -32.02 -3.19 -32.57
C ARG A 160 -32.70 -2.17 -33.50
N SER A 161 -32.25 -0.91 -33.44
CA SER A 161 -32.74 0.24 -34.24
C SER A 161 -32.54 -0.03 -35.74
N ARG A 162 -31.48 -0.75 -36.11
CA ARG A 162 -31.13 -1.13 -37.50
C ARG A 162 -30.04 -2.19 -37.51
N PRO A 163 -30.38 -3.48 -37.23
CA PRO A 163 -29.38 -4.56 -37.13
C PRO A 163 -28.58 -4.93 -38.38
N GLN A 164 -29.15 -4.75 -39.56
CA GLN A 164 -28.43 -5.09 -40.81
C GLN A 164 -27.08 -4.39 -40.86
N GLY A 165 -27.08 -3.09 -40.74
CA GLY A 165 -25.84 -2.31 -40.95
C GLY A 165 -25.74 -1.09 -40.09
N LEU A 166 -24.54 -0.49 -40.07
CA LEU A 166 -24.24 0.67 -39.21
C LEU A 166 -23.64 1.75 -40.07
N THR A 167 -24.13 2.97 -39.93
CA THR A 167 -23.65 4.10 -40.73
C THR A 167 -22.57 4.85 -39.97
N GLU A 168 -21.56 5.31 -40.72
CA GLU A 168 -20.51 6.25 -40.24
C GLU A 168 -21.11 7.41 -39.47
N ALA A 169 -22.20 7.93 -40.03
CA ALA A 169 -22.98 9.07 -39.57
C ALA A 169 -23.36 8.80 -38.13
N GLU A 170 -23.47 7.55 -37.71
CA GLU A 170 -23.84 7.25 -36.32
C GLU A 170 -22.65 6.71 -35.55
N GLN A 171 -21.79 5.98 -36.23
CA GLN A 171 -20.51 5.50 -35.67
C GLN A 171 -19.66 6.66 -35.16
N ARG A 172 -19.62 7.78 -35.88
CA ARG A 172 -18.99 9.01 -35.41
C ARG A 172 -19.62 9.50 -34.09
N GLU A 173 -20.95 9.53 -34.05
CA GLU A 173 -21.68 10.07 -32.85
C GLU A 173 -21.75 9.05 -31.72
N LEU A 174 -21.49 7.78 -32.04
CA LEU A 174 -21.47 6.69 -31.04
C LEU A 174 -20.14 6.85 -30.31
N GLU A 175 -19.10 7.16 -31.07
CA GLU A 175 -17.75 7.39 -30.49
C GLU A 175 -17.78 8.68 -29.68
N GLN A 176 -18.72 9.57 -30.00
CA GLN A 176 -18.83 10.84 -29.27
C GLN A 176 -19.39 10.60 -27.88
N GLU A 177 -20.28 9.62 -27.72
CA GLU A 177 -20.83 9.33 -26.40
C GLU A 177 -19.68 8.79 -25.57
N ALA A 178 -19.01 7.80 -26.11
CA ALA A 178 -17.88 7.12 -25.45
C ALA A 178 -16.95 8.13 -24.77
N LYS A 179 -16.49 9.10 -25.53
CA LYS A 179 -15.49 10.08 -25.09
C LYS A 179 -16.06 10.88 -23.94
N GLU A 180 -17.26 11.41 -24.11
CA GLU A 180 -17.90 12.26 -23.08
C GLU A 180 -18.22 11.49 -21.80
N LEU A 181 -18.28 10.15 -21.91
CA LEU A 181 -18.77 9.31 -20.81
C LEU A 181 -17.54 8.90 -20.04
N LYS A 182 -16.45 8.70 -20.78
CA LYS A 182 -15.16 8.28 -20.21
C LYS A 182 -14.59 9.40 -19.36
N LYS A 183 -15.01 10.64 -19.61
CA LYS A 183 -14.46 11.82 -18.87
C LYS A 183 -15.00 11.91 -17.44
N VAL A 184 -16.25 11.50 -17.25
CA VAL A 184 -17.01 11.64 -15.97
C VAL A 184 -17.38 10.30 -15.34
N MET A 185 -17.06 9.19 -15.99
CA MET A 185 -17.52 7.88 -15.47
C MET A 185 -16.63 7.38 -14.35
N ASP A 186 -17.26 7.14 -13.20
CA ASP A 186 -16.58 6.71 -11.96
C ASP A 186 -16.34 5.20 -12.03
N LEU A 187 -15.08 4.80 -12.13
CA LEU A 187 -14.74 3.37 -12.21
C LEU A 187 -14.78 2.68 -10.86
N SER A 188 -15.11 3.43 -9.80
CA SER A 188 -15.15 2.93 -8.40
C SER A 188 -16.57 2.61 -7.98
N ILE A 189 -17.55 3.09 -8.73
CA ILE A 189 -18.96 2.84 -8.33
C ILE A 189 -19.80 2.33 -9.49
N VAL A 190 -20.53 1.25 -9.25
CA VAL A 190 -21.42 0.65 -10.27
C VAL A 190 -22.76 0.37 -9.62
N ARG A 191 -23.77 0.13 -10.43
CA ARG A 191 -25.11 -0.24 -9.96
C ARG A 191 -25.59 -1.40 -10.80
N LEU A 192 -26.22 -2.38 -10.17
CA LEU A 192 -26.84 -3.50 -10.90
C LEU A 192 -28.13 -2.99 -11.49
N ARG A 193 -28.43 -3.40 -12.70
CA ARG A 193 -29.71 -3.08 -13.35
C ARG A 193 -30.32 -4.41 -13.75
N PHE A 194 -31.44 -4.72 -13.12
CA PHE A 194 -32.23 -5.93 -13.38
C PHE A 194 -33.31 -5.59 -14.39
N SER A 195 -33.32 -6.34 -15.49
CA SER A 195 -34.32 -6.19 -16.55
C SER A 195 -35.03 -7.52 -16.63
N ALA A 196 -36.28 -7.53 -16.21
CA ALA A 196 -37.14 -8.73 -16.26
C ALA A 196 -37.90 -8.83 -17.58
N PHE A 197 -38.03 -10.04 -18.11
CA PHE A 197 -38.79 -10.28 -19.36
C PHE A 197 -39.74 -11.46 -19.22
N LEU A 198 -41.03 -11.20 -19.38
CA LEU A 198 -42.05 -12.23 -19.34
C LEU A 198 -42.08 -12.87 -20.71
N ARG A 199 -41.79 -14.16 -20.73
CA ARG A 199 -42.00 -15.05 -21.91
C ARG A 199 -43.46 -14.96 -22.38
N ALA A 200 -43.66 -14.69 -23.68
CA ALA A 200 -44.98 -14.53 -24.32
C ALA A 200 -45.55 -15.90 -24.72
N SER A 201 -46.66 -15.89 -25.48
CA SER A 201 -47.35 -17.08 -26.05
C SER A 201 -46.48 -17.73 -27.14
N ASP A 202 -45.68 -16.91 -27.84
CA ASP A 202 -44.74 -17.34 -28.92
C ASP A 202 -43.91 -18.52 -28.42
N GLY A 203 -43.40 -18.44 -27.19
CA GLY A 203 -42.24 -19.21 -26.70
C GLY A 203 -41.04 -18.29 -26.57
N SER A 204 -41.23 -17.02 -26.93
CA SER A 204 -40.23 -15.94 -26.97
C SER A 204 -40.34 -15.09 -25.69
N PHE A 205 -39.22 -14.94 -24.97
CA PHE A 205 -39.08 -14.21 -23.68
C PHE A 205 -39.04 -12.71 -23.97
N SER A 206 -40.09 -12.17 -24.60
CA SER A 206 -40.05 -10.93 -25.43
C SER A 206 -40.72 -9.75 -24.74
N LEU A 207 -41.50 -9.97 -23.69
CA LEU A 207 -42.24 -8.90 -22.99
C LEU A 207 -41.37 -8.27 -21.92
N PRO A 208 -41.15 -6.93 -21.98
CA PRO A 208 -40.37 -6.23 -20.95
C PRO A 208 -41.19 -5.83 -19.72
N LEU A 209 -40.54 -5.71 -18.59
CA LEU A 209 -41.03 -5.13 -17.33
C LEU A 209 -40.21 -3.88 -17.15
N LYS A 210 -40.59 -3.03 -16.21
CA LYS A 210 -39.75 -1.85 -15.84
C LYS A 210 -38.42 -2.32 -15.26
N PRO A 211 -37.26 -1.76 -15.72
CA PRO A 211 -35.99 -2.07 -15.09
C PRO A 211 -35.76 -1.41 -13.74
N VAL A 212 -35.31 -2.23 -12.81
CA VAL A 212 -35.07 -1.83 -11.40
C VAL A 212 -33.57 -1.69 -11.11
N ILE A 213 -33.15 -0.48 -10.76
CA ILE A 213 -31.73 -0.20 -10.42
C ILE A 213 -31.42 -0.26 -8.93
N SER A 214 -30.40 -1.02 -8.59
CA SER A 214 -29.94 -1.23 -7.19
C SER A 214 -29.19 -0.01 -6.68
N GLN A 215 -28.89 -0.04 -5.41
CA GLN A 215 -28.09 0.99 -4.73
C GLN A 215 -26.64 0.84 -5.22
N PRO A 216 -25.82 1.89 -5.10
CA PRO A 216 -24.45 1.87 -5.65
C PRO A 216 -23.58 0.79 -5.01
N ILE A 217 -22.53 0.40 -5.68
CA ILE A 217 -21.62 -0.65 -5.17
C ILE A 217 -20.25 -0.04 -5.28
N HIS A 218 -19.59 0.13 -4.17
CA HIS A 218 -18.22 0.71 -4.18
C HIS A 218 -17.16 -0.37 -4.29
N ASP A 219 -16.15 -0.08 -5.11
CA ASP A 219 -14.92 -0.87 -5.20
C ASP A 219 -14.22 -0.75 -3.85
N SER A 220 -13.94 -1.89 -3.25
CA SER A 220 -13.20 -1.96 -1.96
C SER A 220 -11.76 -1.51 -2.13
N LYS A 221 -11.21 -1.80 -3.30
CA LYS A 221 -9.83 -1.43 -3.65
C LYS A 221 -9.81 -0.13 -4.43
N SER A 222 -10.35 0.94 -3.88
CA SER A 222 -10.40 2.18 -4.66
C SER A 222 -10.09 3.35 -3.73
N PRO A 223 -9.71 4.53 -4.29
CA PRO A 223 -9.28 5.69 -3.50
C PRO A 223 -10.27 6.07 -2.40
N GLY A 224 -9.73 6.38 -1.22
CA GLY A 224 -10.51 6.85 -0.06
C GLY A 224 -11.73 5.99 0.16
N ALA A 225 -12.89 6.63 0.30
CA ALA A 225 -14.22 5.97 0.38
C ALA A 225 -14.19 4.64 1.15
N SER A 226 -13.45 4.66 2.24
CA SER A 226 -13.49 3.58 3.27
C SER A 226 -14.49 3.97 4.34
N ASN A 227 -15.21 2.98 4.86
CA ASN A 227 -16.15 3.24 5.96
C ASN A 227 -15.36 3.25 7.26
N LEU A 228 -15.46 4.40 7.93
CA LEU A 228 -14.70 4.75 9.12
C LEU A 228 -15.02 3.66 10.11
N LYS A 229 -13.98 3.01 10.63
CA LYS A 229 -14.17 1.90 11.59
C LYS A 229 -13.28 2.07 12.82
N ILE A 230 -13.85 1.89 14.00
CA ILE A 230 -13.05 1.90 15.24
C ILE A 230 -12.78 0.44 15.54
N SER A 231 -11.52 0.05 15.42
CA SER A 231 -11.06 -1.34 15.70
C SER A 231 -11.06 -1.56 17.19
N ARG A 232 -10.33 -0.71 17.91
CA ARG A 232 -10.30 -0.75 19.37
C ARG A 232 -9.60 0.48 19.92
N MET A 233 -9.77 0.70 21.22
CA MET A 233 -9.17 1.85 21.92
C MET A 233 -8.49 1.34 23.15
N ASP A 234 -7.48 2.11 23.56
CA ASP A 234 -6.76 1.81 24.81
C ASP A 234 -7.62 2.09 26.07
N LYS A 235 -8.41 3.15 26.17
CA LYS A 235 -9.27 3.47 27.33
C LYS A 235 -10.72 3.62 26.88
N THR A 236 -11.66 3.18 27.71
CA THR A 236 -13.10 3.40 27.53
C THR A 236 -13.71 4.18 28.68
N ALA A 237 -12.86 4.72 29.52
CA ALA A 237 -13.29 5.51 30.67
C ALA A 237 -12.21 6.54 30.96
N GLY A 238 -12.64 7.51 31.74
CA GLY A 238 -11.86 8.72 32.01
C GLY A 238 -12.40 9.42 33.22
N SER A 239 -12.03 10.70 33.31
CA SER A 239 -12.58 11.63 34.32
C SER A 239 -13.33 12.72 33.62
N VAL A 240 -14.31 13.31 34.34
CA VAL A 240 -15.14 14.41 33.83
C VAL A 240 -14.25 15.57 33.39
N ARG A 241 -13.00 15.60 33.86
CA ARG A 241 -12.03 16.70 33.62
C ARG A 241 -11.49 16.67 32.19
N GLY A 242 -11.62 15.54 31.51
CA GLY A 242 -11.00 15.39 30.20
C GLY A 242 -9.49 15.37 30.31
N GLY A 243 -8.87 15.38 29.16
CA GLY A 243 -7.40 15.46 29.03
C GLY A 243 -6.77 14.11 29.16
N ASP A 244 -7.59 13.06 29.25
CA ASP A 244 -7.11 11.67 29.33
C ASP A 244 -6.72 11.20 27.92
N GLU A 245 -5.50 10.70 27.78
CA GLU A 245 -4.96 10.31 26.45
C GLU A 245 -5.39 8.86 26.08
N VAL A 246 -6.03 8.77 24.92
CA VAL A 246 -6.54 7.52 24.30
C VAL A 246 -5.82 7.22 22.99
N TYR A 247 -5.39 5.96 22.81
CA TYR A 247 -4.87 5.41 21.54
C TYR A 247 -6.05 4.75 20.88
N LEU A 248 -6.46 5.23 19.72
CA LEU A 248 -7.59 4.65 18.98
C LEU A 248 -7.05 4.00 17.71
N LEU A 249 -7.35 2.73 17.48
CA LEU A 249 -6.92 2.03 16.25
C LEU A 249 -8.09 2.10 15.28
N CYS A 250 -7.85 2.55 14.06
CA CYS A 250 -8.94 2.56 13.05
C CYS A 250 -8.53 2.04 11.69
N ASP A 251 -9.47 2.05 10.74
CA ASP A 251 -9.20 1.80 9.31
C ASP A 251 -8.67 3.11 8.76
N LYS A 252 -8.17 3.07 7.55
CA LYS A 252 -7.49 4.26 6.92
C LYS A 252 -8.23 5.58 7.17
N VAL A 253 -7.55 6.59 7.71
CA VAL A 253 -8.18 7.93 7.77
C VAL A 253 -7.19 8.95 7.22
N GLN A 254 -7.71 10.08 6.77
CA GLN A 254 -6.81 11.18 6.35
C GLN A 254 -6.59 12.17 7.50
N LYS A 255 -5.30 12.40 7.80
CA LYS A 255 -4.91 13.19 9.00
C LYS A 255 -5.67 14.51 9.07
N ASP A 256 -5.84 15.17 7.93
CA ASP A 256 -6.46 16.49 7.89
C ASP A 256 -7.98 16.52 7.72
N ASP A 257 -8.65 15.37 7.71
CA ASP A 257 -10.10 15.32 7.38
C ASP A 257 -10.88 14.59 8.47
N ILE A 258 -10.21 14.25 9.56
CA ILE A 258 -10.80 13.41 10.63
C ILE A 258 -11.00 14.16 11.95
N GLU A 259 -12.02 13.74 12.71
CA GLU A 259 -12.17 14.24 14.09
C GLU A 259 -12.78 13.15 14.96
N VAL A 260 -12.84 13.43 16.26
CA VAL A 260 -13.30 12.42 17.25
C VAL A 260 -14.37 13.11 18.07
N ARG A 261 -15.59 12.87 17.62
CA ARG A 261 -16.81 13.52 18.17
C ARG A 261 -17.37 12.75 19.36
N PHE A 262 -17.38 13.39 20.52
CA PHE A 262 -18.07 12.83 21.72
C PHE A 262 -19.45 13.47 21.79
N TYR A 263 -20.46 12.76 22.23
CA TYR A 263 -21.83 13.27 22.15
C TYR A 263 -22.72 12.41 23.02
N GLU A 264 -23.89 13.00 23.36
CA GLU A 264 -25.04 12.37 24.00
C GLU A 264 -26.23 12.70 23.13
N ASP A 265 -26.82 11.72 22.46
CA ASP A 265 -28.01 12.01 21.61
C ASP A 265 -29.27 11.90 22.48
N ASP A 266 -29.41 12.78 23.47
CA ASP A 266 -30.57 12.95 24.36
C ASP A 266 -31.38 14.18 23.91
N GLU A 267 -31.02 14.77 22.76
CA GLU A 267 -31.60 16.02 22.19
C GLU A 267 -31.06 17.27 22.89
N ASN A 268 -30.48 17.19 24.11
CA ASN A 268 -29.63 18.28 24.65
C ASN A 268 -28.64 18.66 23.55
N GLY A 269 -28.14 17.63 22.87
CA GLY A 269 -27.21 17.69 21.75
C GLY A 269 -25.85 18.12 22.22
N TRP A 270 -25.40 17.69 23.41
CA TRP A 270 -24.03 18.01 23.88
C TRP A 270 -23.03 17.36 22.93
N GLN A 271 -21.97 18.07 22.58
CA GLN A 271 -20.91 17.44 21.79
C GLN A 271 -19.60 18.16 22.11
N ALA A 272 -18.51 17.41 22.06
CA ALA A 272 -17.15 17.98 22.14
C ALA A 272 -16.24 17.11 21.30
N PHE A 273 -14.97 17.46 21.29
CA PHE A 273 -13.98 16.83 20.38
C PHE A 273 -12.67 16.38 21.04
N GLY A 274 -12.04 15.41 20.35
CA GLY A 274 -10.70 14.94 20.69
C GLY A 274 -9.71 16.04 20.52
N ASP A 275 -8.62 15.94 21.27
CA ASP A 275 -7.54 16.95 21.25
C ASP A 275 -6.30 16.26 20.68
N PHE A 276 -5.89 16.72 19.51
CA PHE A 276 -4.75 16.11 18.82
C PHE A 276 -4.41 17.00 17.64
N SER A 277 -3.29 16.65 17.01
CA SER A 277 -2.77 17.28 15.77
C SER A 277 -2.58 16.16 14.75
N PRO A 278 -2.53 16.49 13.44
CA PRO A 278 -2.32 15.41 12.45
C PRO A 278 -1.08 14.54 12.68
N THR A 279 -0.11 15.05 13.44
CA THR A 279 1.12 14.32 13.82
C THR A 279 0.72 13.19 14.73
N ASP A 280 -0.35 13.44 15.48
CA ASP A 280 -0.91 12.47 16.46
C ASP A 280 -1.64 11.31 15.79
N VAL A 281 -2.08 11.55 14.56
CA VAL A 281 -2.65 10.53 13.67
C VAL A 281 -1.47 9.76 13.12
N HIS A 282 -1.36 8.53 13.55
CA HIS A 282 -0.23 7.63 13.20
C HIS A 282 -0.44 6.81 11.92
N LYS A 283 0.32 7.12 10.84
CA LYS A 283 0.31 6.35 9.57
C LYS A 283 -1.12 5.96 9.16
N GLN A 284 -2.06 6.89 9.32
CA GLN A 284 -3.48 6.80 8.94
C GLN A 284 -4.24 5.61 9.50
N TYR A 285 -3.69 4.94 10.51
CA TYR A 285 -4.38 3.80 11.16
C TYR A 285 -4.53 3.89 12.69
N ALA A 286 -4.17 5.02 13.26
CA ALA A 286 -4.31 5.22 14.69
C ALA A 286 -4.37 6.71 14.94
N ILE A 287 -5.02 7.05 16.04
CA ILE A 287 -5.18 8.43 16.52
C ILE A 287 -4.82 8.45 18.00
N VAL A 288 -3.88 9.30 18.38
CA VAL A 288 -3.61 9.49 19.83
C VAL A 288 -4.26 10.81 20.14
N PHE A 289 -5.28 10.77 20.96
CA PHE A 289 -5.95 12.02 21.36
C PHE A 289 -6.17 12.11 22.87
N ARG A 290 -6.43 13.34 23.31
CA ARG A 290 -6.81 13.63 24.70
C ARG A 290 -8.33 13.87 24.72
N THR A 291 -9.03 13.14 25.56
CA THR A 291 -10.49 13.27 25.77
C THR A 291 -10.89 14.70 26.10
N PRO A 292 -12.10 15.14 25.70
CA PRO A 292 -12.54 16.47 26.09
C PRO A 292 -13.18 16.45 27.47
N PRO A 293 -13.29 17.60 28.16
CA PRO A 293 -14.03 17.62 29.42
C PRO A 293 -15.53 17.46 29.18
N TYR A 294 -16.22 16.76 30.07
CA TYR A 294 -17.69 16.63 30.04
C TYR A 294 -18.32 17.98 30.38
N HIS A 295 -19.51 18.26 29.86
CA HIS A 295 -20.13 19.61 29.99
C HIS A 295 -20.42 19.97 31.47
N LYS A 296 -20.73 18.96 32.27
CA LYS A 296 -21.26 19.10 33.64
C LYS A 296 -20.32 18.39 34.62
N MET A 297 -19.46 19.12 35.32
CA MET A 297 -18.64 18.51 36.39
C MET A 297 -19.49 18.38 37.65
N LYS A 298 -18.85 18.02 38.75
CA LYS A 298 -19.49 17.81 40.04
C LYS A 298 -20.63 16.82 39.88
N ILE A 299 -20.65 16.03 38.82
CA ILE A 299 -21.48 14.79 38.77
C ILE A 299 -21.06 13.81 39.85
N GLU A 300 -22.08 13.14 40.36
CA GLU A 300 -22.01 12.24 41.53
C GLU A 300 -21.79 10.78 41.09
N ARG A 301 -22.31 10.48 39.90
CA ARG A 301 -22.26 9.12 39.36
C ARG A 301 -21.62 9.16 37.98
N PRO A 302 -20.96 8.06 37.60
CA PRO A 302 -20.47 7.92 36.22
C PRO A 302 -21.54 8.21 35.17
N VAL A 303 -21.16 8.86 34.07
CA VAL A 303 -22.03 9.10 32.89
C VAL A 303 -21.41 8.43 31.67
N THR A 304 -22.20 7.66 30.95
CA THR A 304 -21.75 7.06 29.68
C THR A 304 -22.23 7.94 28.54
N VAL A 305 -21.29 8.27 27.68
CA VAL A 305 -21.46 9.10 26.48
C VAL A 305 -20.98 8.21 25.35
N PHE A 306 -21.06 8.76 24.15
CA PHE A 306 -20.56 8.10 22.92
C PHE A 306 -19.42 8.92 22.36
N LEU A 307 -18.52 8.23 21.67
CA LEU A 307 -17.52 8.89 20.82
C LEU A 307 -17.61 8.22 19.48
N GLN A 308 -17.19 8.93 18.45
CA GLN A 308 -17.27 8.43 17.09
C GLN A 308 -16.27 9.21 16.27
N LEU A 309 -15.82 8.59 15.21
CA LEU A 309 -14.99 9.28 14.21
C LEU A 309 -15.95 9.98 13.30
N LYS A 310 -15.59 11.16 12.89
CA LYS A 310 -16.43 11.95 11.96
C LYS A 310 -15.53 12.68 11.00
N ARG A 311 -15.74 12.46 9.69
CA ARG A 311 -15.05 13.22 8.64
C ARG A 311 -15.66 14.60 8.66
N LYS A 312 -14.88 15.67 8.75
CA LYS A 312 -15.50 17.03 8.71
C LYS A 312 -15.90 17.37 7.28
N ARG A 313 -14.97 17.18 6.36
CA ARG A 313 -15.23 17.40 4.92
C ARG A 313 -16.46 16.65 4.39
N GLY A 314 -16.78 15.48 4.94
CA GLY A 314 -18.01 14.77 4.53
C GLY A 314 -19.12 15.00 5.54
N GLY A 315 -19.91 13.96 5.79
CA GLY A 315 -20.74 13.87 7.01
C GLY A 315 -20.49 12.59 7.79
N ASP A 316 -19.66 11.73 7.19
CA ASP A 316 -19.53 10.27 7.39
C ASP A 316 -19.07 10.02 8.80
N VAL A 317 -19.64 9.02 9.43
CA VAL A 317 -19.30 8.74 10.84
C VAL A 317 -18.93 7.29 10.95
N SER A 318 -18.11 6.91 11.92
CA SER A 318 -17.84 5.51 12.22
C SER A 318 -18.92 5.02 13.16
N ASP A 319 -18.93 3.72 13.41
CA ASP A 319 -19.77 3.13 14.48
C ASP A 319 -19.32 3.79 15.74
N SER A 320 -20.24 4.29 16.54
CA SER A 320 -19.94 4.87 17.89
C SER A 320 -19.61 3.83 18.96
N LYS A 321 -18.62 4.12 19.77
CA LYS A 321 -18.29 3.30 20.96
C LYS A 321 -18.66 4.18 22.14
N GLN A 322 -18.94 3.49 23.25
CA GLN A 322 -19.25 4.08 24.59
C GLN A 322 -17.98 4.51 25.31
N PHE A 323 -18.09 5.59 26.08
CA PHE A 323 -17.02 6.08 26.94
C PHE A 323 -17.72 6.56 28.19
N THR A 324 -17.14 6.26 29.34
CA THR A 324 -17.79 6.59 30.63
C THR A 324 -16.93 7.63 31.35
N TYR A 325 -17.56 8.74 31.66
CA TYR A 325 -16.94 9.81 32.43
C TYR A 325 -17.12 9.45 33.90
N TYR A 326 -16.13 9.80 34.69
CA TYR A 326 -16.13 9.62 36.15
C TYR A 326 -16.05 10.98 36.86
N PRO A 327 -16.62 11.02 38.09
CA PRO A 327 -16.50 12.12 39.07
C PRO A 327 -15.08 12.45 39.55
N LEU A 328 -14.95 13.42 40.46
CA LEU A 328 -13.68 14.09 40.79
C LEU A 328 -13.13 13.59 42.14
N VAL A 329 -11.83 13.78 42.36
CA VAL A 329 -11.08 13.48 43.62
C VAL A 329 -11.65 12.20 44.26
N THR C 34 45.62 -1.11 3.29
CA THR C 34 46.72 -0.41 4.04
C THR C 34 48.08 -1.07 3.75
N ALA C 35 48.37 -1.38 2.47
CA ALA C 35 49.68 -1.90 2.02
C ALA C 35 50.60 -0.73 1.65
N ASP C 36 51.68 -1.05 0.94
CA ASP C 36 52.74 -0.11 0.52
C ASP C 36 52.16 0.99 -0.40
N GLY C 37 51.41 0.60 -1.44
CA GLY C 37 51.12 1.46 -2.60
C GLY C 37 50.05 2.52 -2.30
N PRO C 38 49.63 3.36 -3.27
CA PRO C 38 48.39 4.17 -3.17
C PRO C 38 47.14 3.28 -3.23
N TYR C 39 46.12 3.63 -2.48
CA TYR C 39 44.86 2.89 -2.39
C TYR C 39 43.73 3.89 -2.11
N LEU C 40 42.50 3.46 -2.37
CA LEU C 40 41.31 4.31 -2.11
C LEU C 40 40.69 3.82 -0.80
N VAL C 41 40.07 4.73 -0.08
CA VAL C 41 39.36 4.36 1.18
C VAL C 41 38.03 5.08 1.19
N ILE C 42 36.96 4.39 1.54
CA ILE C 42 35.64 5.04 1.70
C ILE C 42 35.61 5.76 3.04
N VAL C 43 35.67 7.09 3.01
CA VAL C 43 35.65 7.98 4.19
C VAL C 43 34.27 7.96 4.85
N GLU C 44 33.24 7.87 4.03
CA GLU C 44 31.81 7.89 4.43
C GLU C 44 31.03 6.99 3.48
N GLN C 45 30.61 5.82 3.95
CA GLN C 45 29.81 4.88 3.13
C GLN C 45 28.40 5.44 2.83
N PRO C 46 27.70 4.89 1.81
CA PRO C 46 26.34 5.34 1.58
C PRO C 46 25.43 4.79 2.68
N LYS C 47 24.26 5.38 2.83
CA LYS C 47 23.17 4.93 3.71
C LYS C 47 22.68 3.58 3.23
N GLN C 48 22.82 2.58 4.10
CA GLN C 48 22.57 1.16 3.74
C GLN C 48 21.04 0.94 3.64
N ARG C 49 20.31 1.81 4.31
CA ARG C 49 18.83 1.81 4.28
C ARG C 49 18.26 3.20 4.05
N GLY C 50 17.13 3.28 3.36
CA GLY C 50 16.31 4.49 3.38
C GLY C 50 16.50 5.36 2.15
N PHE C 51 17.34 4.90 1.21
CA PHE C 51 17.41 5.56 -0.13
C PHE C 51 16.44 4.92 -1.12
N ARG C 52 15.71 5.79 -1.80
CA ARG C 52 14.79 5.35 -2.86
C ARG C 52 15.47 5.34 -4.23
N PHE C 53 15.34 4.21 -4.93
CA PHE C 53 15.77 4.05 -6.33
C PHE C 53 14.64 4.61 -7.15
N ARG C 54 14.96 5.43 -8.13
CA ARG C 54 13.93 6.02 -9.03
C ARG C 54 13.86 5.38 -10.41
N TYR C 55 12.65 5.17 -10.91
CA TYR C 55 12.46 4.67 -12.28
C TYR C 55 12.70 5.80 -13.25
N GLY C 56 13.01 5.48 -14.49
CA GLY C 56 13.14 6.45 -15.58
C GLY C 56 11.99 7.44 -15.63
N CYS C 57 10.80 6.98 -15.31
CA CYS C 57 9.60 7.84 -15.44
C CYS C 57 9.47 8.91 -14.37
N GLU C 58 10.03 8.62 -13.20
CA GLU C 58 9.76 9.41 -11.96
C GLU C 58 10.33 10.82 -12.07
N GLY C 59 11.48 10.95 -12.75
CA GLY C 59 12.11 12.24 -12.94
C GLY C 59 13.58 12.17 -12.59
N PRO C 60 14.33 13.23 -12.90
CA PRO C 60 15.64 13.45 -12.31
C PRO C 60 15.41 14.39 -11.14
N SER C 61 16.42 14.58 -10.30
CA SER C 61 16.37 15.59 -9.20
C SER C 61 15.33 15.14 -8.19
N HIS C 62 15.34 13.88 -7.81
CA HIS C 62 14.47 13.44 -6.71
C HIS C 62 15.25 13.32 -5.40
N GLY C 63 16.51 13.72 -5.39
CA GLY C 63 17.33 13.57 -4.17
C GLY C 63 18.59 12.79 -4.46
N GLY C 64 19.60 13.00 -3.64
CA GLY C 64 20.90 12.34 -3.82
C GLY C 64 21.21 11.32 -2.74
N LEU C 65 21.87 10.22 -3.12
CA LEU C 65 22.25 9.15 -2.19
C LEU C 65 23.08 9.81 -1.10
N PRO C 66 22.65 9.72 0.18
CA PRO C 66 23.32 10.42 1.29
C PRO C 66 24.34 9.49 1.97
N GLY C 67 25.14 10.04 2.88
CA GLY C 67 26.13 9.24 3.63
C GLY C 67 25.49 8.61 4.84
N ALA C 68 26.16 7.60 5.42
CA ALA C 68 25.59 6.78 6.49
C ALA C 68 25.32 7.61 7.74
N SER C 69 25.86 8.82 7.79
CA SER C 69 25.79 9.70 8.97
C SER C 69 25.00 10.98 8.68
N SER C 70 24.22 11.03 7.59
CA SER C 70 23.37 12.20 7.30
C SER C 70 22.24 12.25 8.32
N GLU C 71 21.91 13.45 8.80
CA GLU C 71 20.61 13.80 9.40
C GLU C 71 20.07 14.98 8.57
N LYS C 72 18.87 15.47 8.86
CA LYS C 72 18.24 16.57 8.07
C LYS C 72 19.08 17.85 8.22
N GLY C 73 19.61 18.11 9.42
CA GLY C 73 20.53 19.24 9.70
C GLY C 73 21.90 19.01 9.10
N ARG C 74 22.65 18.03 9.63
CA ARG C 74 23.95 17.59 9.08
C ARG C 74 23.68 16.61 7.96
N LYS C 75 23.88 17.05 6.71
CA LYS C 75 23.92 16.15 5.56
C LYS C 75 25.33 15.70 5.28
N THR C 76 25.46 14.45 4.86
CA THR C 76 26.74 13.88 4.42
C THR C 76 26.43 12.98 3.23
N TYR C 77 27.41 12.79 2.36
CA TYR C 77 27.28 12.04 1.09
C TYR C 77 28.42 11.04 1.06
N PRO C 78 28.29 9.95 0.29
CA PRO C 78 29.41 9.02 0.12
C PRO C 78 30.72 9.74 -0.23
N THR C 79 31.79 9.47 0.52
CA THR C 79 33.10 10.12 0.34
C THR C 79 34.18 9.06 0.36
N VAL C 80 35.21 9.31 -0.42
CA VAL C 80 36.37 8.41 -0.57
C VAL C 80 37.62 9.28 -0.62
N LYS C 81 38.77 8.69 -0.35
CA LYS C 81 40.02 9.46 -0.39
C LYS C 81 41.09 8.57 -1.00
N ILE C 82 41.97 9.18 -1.78
CA ILE C 82 43.19 8.50 -2.26
C ILE C 82 44.28 8.71 -1.20
N CYS C 83 44.64 7.59 -0.59
CA CYS C 83 45.70 7.54 0.45
C CYS C 83 47.05 7.21 -0.18
N ASN C 84 48.12 7.64 0.47
CA ASN C 84 49.51 7.33 0.08
C ASN C 84 49.82 7.88 -1.31
N TYR C 85 49.36 9.08 -1.61
CA TYR C 85 49.67 9.81 -2.86
C TYR C 85 48.98 11.17 -2.81
N GLU C 86 49.66 12.21 -3.32
CA GLU C 86 49.12 13.59 -3.48
C GLU C 86 49.39 14.02 -4.92
N GLY C 87 48.34 14.40 -5.66
CA GLY C 87 48.46 14.77 -7.07
C GLY C 87 47.15 14.62 -7.82
N PRO C 88 47.12 14.91 -9.14
CA PRO C 88 45.88 14.92 -9.89
C PRO C 88 45.37 13.50 -10.17
N ALA C 89 44.09 13.26 -9.99
CA ALA C 89 43.56 11.89 -10.05
C ALA C 89 42.08 11.93 -10.34
N LYS C 90 41.58 10.81 -10.82
CA LYS C 90 40.21 10.68 -11.31
C LYS C 90 39.59 9.47 -10.62
N ILE C 91 38.49 9.71 -9.88
CA ILE C 91 37.71 8.65 -9.20
C ILE C 91 36.37 8.51 -9.89
N GLU C 92 35.97 7.28 -10.15
CA GLU C 92 34.69 6.99 -10.80
C GLU C 92 33.93 5.92 -10.03
N VAL C 93 32.61 6.05 -10.01
CA VAL C 93 31.71 5.15 -9.25
C VAL C 93 30.76 4.55 -10.26
N ASP C 94 30.37 3.30 -10.00
CA ASP C 94 29.37 2.56 -10.80
C ASP C 94 28.71 1.55 -9.88
N LEU C 95 27.55 1.09 -10.28
CA LEU C 95 26.80 0.10 -9.48
C LEU C 95 27.19 -1.36 -9.79
N VAL C 96 27.60 -2.06 -8.75
CA VAL C 96 27.95 -3.50 -8.87
C VAL C 96 26.99 -4.34 -8.05
N THR C 97 26.92 -5.62 -8.40
CA THR C 97 26.04 -6.57 -7.69
C THR C 97 26.38 -6.68 -6.22
N HIS C 98 25.42 -7.18 -5.48
CA HIS C 98 25.51 -7.49 -4.03
C HIS C 98 26.38 -8.72 -3.84
N SER C 99 26.35 -9.57 -4.85
CA SER C 99 27.13 -10.82 -4.96
C SER C 99 28.62 -10.49 -4.90
N ASP C 100 29.43 -11.28 -4.19
CA ASP C 100 30.79 -10.79 -3.88
C ASP C 100 31.58 -10.58 -5.16
N PRO C 101 31.56 -11.52 -6.14
CA PRO C 101 32.23 -11.29 -7.39
C PRO C 101 31.50 -10.06 -7.94
N PRO C 102 32.14 -8.88 -7.91
CA PRO C 102 31.42 -7.65 -8.31
C PRO C 102 31.20 -7.65 -9.81
N ARG C 103 29.96 -7.84 -10.24
CA ARG C 103 29.68 -7.62 -11.65
C ARG C 103 28.80 -6.38 -11.73
N ALA C 104 28.90 -5.67 -12.84
CA ALA C 104 28.03 -4.52 -13.18
C ALA C 104 26.54 -4.81 -12.96
N HIS C 105 25.84 -3.87 -12.34
CA HIS C 105 24.39 -3.98 -12.05
C HIS C 105 23.58 -3.43 -13.23
N ALA C 106 22.36 -3.96 -13.39
CA ALA C 106 21.40 -3.55 -14.42
C ALA C 106 21.08 -2.08 -14.20
N HIS C 107 21.11 -1.65 -12.94
CA HIS C 107 20.83 -0.26 -12.51
C HIS C 107 21.97 0.65 -12.91
N SER C 108 21.67 1.91 -13.20
CA SER C 108 22.70 2.93 -13.56
C SER C 108 22.66 4.12 -12.59
N LEU C 109 23.82 4.73 -12.38
CA LEU C 109 23.86 5.97 -11.61
C LEU C 109 23.46 7.12 -12.52
N VAL C 110 22.59 7.98 -12.00
CA VAL C 110 22.26 9.22 -12.74
C VAL C 110 22.77 10.45 -11.97
N GLY C 111 23.17 11.48 -12.67
CA GLY C 111 23.45 12.81 -12.06
C GLY C 111 24.28 13.73 -12.89
N LYS C 112 24.60 14.88 -12.26
CA LYS C 112 25.26 16.05 -12.87
C LYS C 112 26.66 15.68 -13.35
N GLN C 113 27.23 14.59 -12.84
CA GLN C 113 28.65 14.22 -13.07
C GLN C 113 28.76 12.84 -13.77
N CYS C 114 27.68 12.33 -14.35
CA CYS C 114 27.60 10.91 -14.77
C CYS C 114 27.59 10.80 -16.30
N SER C 115 28.16 9.70 -16.78
CA SER C 115 27.97 9.08 -18.10
C SER C 115 26.55 8.54 -18.22
N GLU C 116 26.19 8.43 -19.49
CA GLU C 116 24.91 7.83 -19.91
C GLU C 116 24.90 6.30 -19.72
N LEU C 117 25.95 5.73 -19.14
CA LEU C 117 26.19 4.29 -18.94
C LEU C 117 26.13 4.04 -17.45
N GLY C 118 26.13 5.08 -16.62
CA GLY C 118 25.99 4.85 -15.18
C GLY C 118 27.33 5.01 -14.49
N ILE C 119 28.27 5.70 -15.10
CA ILE C 119 29.64 5.82 -14.53
C ILE C 119 29.83 7.28 -14.12
N CYS C 120 30.12 7.51 -12.86
CA CYS C 120 30.20 8.90 -12.39
C CYS C 120 31.68 9.14 -12.07
N ALA C 121 32.14 10.32 -12.39
CA ALA C 121 33.56 10.65 -12.47
C ALA C 121 33.76 11.97 -11.76
N VAL C 122 34.72 11.96 -10.85
CA VAL C 122 35.27 13.23 -10.31
C VAL C 122 36.79 13.29 -10.38
N SER C 123 37.27 14.53 -10.21
CA SER C 123 38.69 14.88 -10.29
C SER C 123 39.11 15.31 -8.89
N VAL C 124 40.15 14.72 -8.32
CA VAL C 124 40.69 15.22 -7.02
C VAL C 124 41.94 16.04 -7.32
N GLY C 125 41.93 17.27 -6.80
CA GLY C 125 43.04 18.25 -6.92
C GLY C 125 44.31 17.83 -6.18
N PRO C 126 45.48 18.41 -6.55
CA PRO C 126 46.74 18.01 -5.92
C PRO C 126 46.79 18.26 -4.40
N LYS C 127 45.88 19.09 -3.91
CA LYS C 127 45.74 19.43 -2.50
C LYS C 127 44.75 18.44 -1.88
N ASP C 128 43.54 18.41 -2.41
CA ASP C 128 42.43 17.67 -1.78
C ASP C 128 42.30 16.32 -2.47
N MET C 129 42.59 15.25 -1.72
CA MET C 129 42.56 13.89 -2.27
C MET C 129 41.29 13.18 -1.87
N THR C 130 40.30 13.94 -1.44
CA THR C 130 39.00 13.40 -1.01
C THR C 130 37.90 13.80 -1.99
N ALA C 131 37.08 12.85 -2.39
CA ALA C 131 36.02 13.05 -3.38
C ALA C 131 34.70 12.77 -2.71
N GLN C 132 33.84 13.77 -2.70
CA GLN C 132 32.43 13.67 -2.22
C GLN C 132 31.52 13.49 -3.42
N PHE C 133 30.53 12.63 -3.35
CA PHE C 133 29.55 12.41 -4.42
C PHE C 133 28.16 12.79 -3.93
N ASN C 134 27.88 14.09 -4.01
CA ASN C 134 26.78 14.71 -3.25
C ASN C 134 25.48 14.61 -4.00
N ASN C 135 25.52 14.22 -5.26
CA ASN C 135 24.27 14.04 -6.03
C ASN C 135 24.29 12.73 -6.80
N LEU C 136 24.04 11.62 -6.12
CA LEU C 136 23.98 10.33 -6.83
C LEU C 136 22.57 9.77 -6.80
N GLY C 137 21.94 9.53 -7.94
CA GLY C 137 20.67 8.82 -8.03
C GLY C 137 20.90 7.47 -8.61
N VAL C 138 19.94 6.55 -8.40
CA VAL C 138 19.98 5.16 -8.88
C VAL C 138 18.78 4.98 -9.78
N LEU C 139 19.01 4.82 -11.07
CA LEU C 139 17.93 4.67 -12.05
C LEU C 139 17.49 3.23 -11.99
N HIS C 140 16.25 2.99 -11.63
CA HIS C 140 15.73 1.60 -11.51
C HIS C 140 15.27 1.02 -12.85
N VAL C 141 15.90 -0.07 -13.28
CA VAL C 141 15.54 -0.68 -14.59
C VAL C 141 14.26 -1.45 -14.38
N THR C 142 13.41 -1.43 -15.41
CA THR C 142 12.20 -2.26 -15.52
C THR C 142 12.65 -3.69 -15.81
N LYS C 143 11.88 -4.69 -15.36
CA LYS C 143 12.33 -6.09 -15.52
C LYS C 143 12.29 -6.43 -17.00
N LYS C 144 11.46 -5.70 -17.76
CA LYS C 144 11.34 -5.98 -19.21
C LYS C 144 12.40 -5.15 -19.92
N ASN C 145 13.10 -4.31 -19.19
CA ASN C 145 14.20 -3.49 -19.73
C ASN C 145 15.54 -4.14 -19.47
N MET C 146 15.55 -4.93 -18.40
CA MET C 146 16.80 -5.51 -17.85
C MET C 146 17.70 -6.20 -18.86
N MET C 147 17.12 -7.05 -19.71
CA MET C 147 17.91 -7.77 -20.74
C MET C 147 18.71 -6.84 -21.64
N GLY C 148 18.01 -5.94 -22.35
CA GLY C 148 18.67 -5.00 -23.25
C GLY C 148 19.64 -4.06 -22.55
N THR C 149 19.30 -3.59 -21.35
CA THR C 149 20.22 -2.73 -20.56
C THR C 149 21.44 -3.54 -20.17
N MET C 150 21.21 -4.83 -19.90
CA MET C 150 22.30 -5.76 -19.58
C MET C 150 23.24 -6.02 -20.78
N ILE C 151 22.71 -6.40 -21.95
CA ILE C 151 23.61 -6.67 -23.13
C ILE C 151 24.37 -5.38 -23.49
N GLN C 152 23.71 -4.24 -23.32
CA GLN C 152 24.29 -2.92 -23.64
C GLN C 152 25.46 -2.52 -22.74
N LYS C 153 25.40 -2.86 -21.46
CA LYS C 153 26.49 -2.54 -20.52
C LYS C 153 27.58 -3.59 -20.69
N LEU C 154 27.20 -4.77 -21.14
CA LEU C 154 28.13 -5.92 -21.30
C LEU C 154 28.97 -5.76 -22.58
N GLN C 155 28.40 -5.10 -23.59
CA GLN C 155 29.06 -4.81 -24.87
C GLN C 155 30.11 -3.76 -24.54
N ARG C 156 29.62 -2.69 -23.96
CA ARG C 156 30.46 -1.57 -23.53
C ARG C 156 31.64 -2.09 -22.72
N GLN C 157 31.40 -3.11 -21.91
CA GLN C 157 32.47 -3.71 -21.09
C GLN C 157 33.46 -4.45 -21.98
N ARG C 158 32.94 -5.17 -22.99
CA ARG C 158 33.77 -5.98 -23.89
C ARG C 158 33.90 -5.32 -25.26
N LEU C 159 34.28 -4.04 -25.32
CA LEU C 159 34.49 -3.14 -26.50
C LEU C 159 35.95 -2.67 -26.55
N ARG C 160 36.66 -2.67 -25.42
CA ARG C 160 38.12 -2.36 -25.43
C ARG C 160 38.87 -3.68 -25.66
N SER C 161 38.29 -4.82 -25.26
CA SER C 161 38.81 -6.20 -25.53
C SER C 161 38.88 -6.47 -27.04
N ARG C 162 37.97 -5.89 -27.82
CA ARG C 162 37.94 -6.04 -29.31
C ARG C 162 37.12 -4.92 -29.96
N PRO C 163 37.61 -3.66 -30.03
CA PRO C 163 36.83 -2.53 -30.54
C PRO C 163 36.46 -2.52 -32.03
N GLN C 164 37.26 -3.17 -32.85
CA GLN C 164 37.01 -3.30 -34.30
C GLN C 164 35.55 -3.64 -34.58
N GLY C 165 35.16 -4.80 -34.08
CA GLY C 165 33.77 -5.28 -34.18
C GLY C 165 33.48 -6.29 -33.12
N LEU C 166 32.22 -6.70 -32.96
CA LEU C 166 31.93 -7.87 -32.11
C LEU C 166 31.44 -9.04 -32.93
N THR C 167 32.14 -10.16 -32.82
CA THR C 167 31.87 -11.33 -33.67
C THR C 167 30.61 -12.06 -33.17
N GLU C 168 29.85 -12.56 -34.15
CA GLU C 168 28.58 -13.29 -33.91
C GLU C 168 28.79 -14.42 -32.93
N ALA C 169 29.95 -15.07 -33.05
CA ALA C 169 30.29 -16.24 -32.23
C ALA C 169 30.39 -15.73 -30.80
N GLU C 170 31.04 -14.60 -30.61
CA GLU C 170 31.25 -14.03 -29.27
C GLU C 170 29.96 -13.46 -28.72
N GLN C 171 29.08 -13.02 -29.60
CA GLN C 171 27.80 -12.40 -29.22
C GLN C 171 26.95 -13.27 -28.31
N ARG C 172 26.76 -14.52 -28.74
CA ARG C 172 25.87 -15.51 -28.09
C ARG C 172 26.39 -15.93 -26.73
N GLU C 173 27.70 -15.92 -26.46
CA GLU C 173 28.28 -16.25 -25.15
C GLU C 173 28.11 -15.12 -24.11
N LEU C 174 28.01 -13.92 -24.64
CA LEU C 174 27.91 -12.69 -23.83
C LEU C 174 26.44 -12.62 -23.44
N GLU C 175 25.57 -12.98 -24.39
CA GLU C 175 24.11 -12.95 -24.16
C GLU C 175 23.78 -14.03 -23.14
N GLN C 176 24.64 -15.05 -23.03
CA GLN C 176 24.29 -16.12 -22.05
C GLN C 176 24.46 -15.51 -20.65
N GLU C 177 25.57 -14.82 -20.46
CA GLU C 177 25.86 -14.28 -19.10
C GLU C 177 24.59 -13.56 -18.71
N ALA C 178 24.21 -12.62 -19.56
CA ALA C 178 23.03 -11.76 -19.32
C ALA C 178 21.86 -12.56 -18.76
N LYS C 179 21.50 -13.64 -19.43
CA LYS C 179 20.31 -14.45 -19.06
C LYS C 179 20.49 -15.04 -17.67
N GLU C 180 21.62 -15.69 -17.42
CA GLU C 180 21.87 -16.31 -16.12
C GLU C 180 22.23 -15.33 -15.01
N LEU C 181 22.28 -14.03 -15.34
CA LEU C 181 22.61 -13.00 -14.34
C LEU C 181 21.30 -12.36 -13.99
N LYS C 182 20.41 -12.28 -14.97
CA LYS C 182 19.07 -11.69 -14.80
C LYS C 182 18.23 -12.60 -13.89
N LYS C 183 18.59 -13.88 -13.82
CA LYS C 183 17.79 -14.85 -13.02
C LYS C 183 18.03 -14.71 -11.50
N VAL C 184 19.25 -14.31 -11.12
CA VAL C 184 19.71 -14.21 -9.71
C VAL C 184 20.04 -12.79 -9.26
N MET C 185 19.92 -11.81 -10.16
CA MET C 185 20.38 -10.45 -9.79
C MET C 185 19.29 -9.71 -9.01
N ASP C 186 19.66 -9.26 -7.81
CA ASP C 186 18.76 -8.60 -6.85
C ASP C 186 18.61 -7.12 -7.22
N LEU C 187 17.43 -6.74 -7.69
CA LEU C 187 17.19 -5.33 -8.09
C LEU C 187 16.94 -4.42 -6.91
N SER C 188 16.98 -4.95 -5.69
CA SER C 188 16.69 -4.22 -4.44
C SER C 188 17.99 -3.83 -3.73
N ILE C 189 19.09 -4.47 -4.13
CA ILE C 189 20.37 -4.20 -3.44
C ILE C 189 21.50 -3.92 -4.43
N VAL C 190 22.23 -2.84 -4.22
CA VAL C 190 23.37 -2.46 -5.08
C VAL C 190 24.55 -2.11 -4.18
N ARG C 191 25.73 -2.05 -4.78
CA ARG C 191 26.94 -1.60 -4.08
C ARG C 191 27.66 -0.60 -4.97
N LEU C 192 28.16 0.46 -4.39
CA LEU C 192 28.98 1.44 -5.11
C LEU C 192 30.35 0.82 -5.29
N ARG C 193 30.95 1.02 -6.45
CA ARG C 193 32.32 0.60 -6.71
C ARG C 193 33.07 1.82 -7.17
N PHE C 194 34.03 2.23 -6.36
CA PHE C 194 34.93 3.36 -6.63
C PHE C 194 36.19 2.84 -7.29
N SER C 195 36.50 3.38 -8.45
CA SER C 195 37.70 3.04 -9.21
C SER C 195 38.48 4.32 -9.34
N ALA C 196 39.59 4.40 -8.64
CA ALA C 196 40.50 5.58 -8.70
C ALA C 196 41.56 5.42 -9.79
N PHE C 197 41.87 6.52 -10.49
CA PHE C 197 42.91 6.52 -11.54
C PHE C 197 43.85 7.70 -11.38
N LEU C 198 45.13 7.41 -11.14
CA LEU C 198 46.16 8.43 -11.05
C LEU C 198 46.57 8.80 -12.45
N ARG C 199 46.31 10.06 -12.79
CA ARG C 199 46.88 10.73 -14.01
C ARG C 199 48.40 10.57 -14.07
N ALA C 200 48.94 10.11 -15.21
CA ALA C 200 50.38 9.95 -15.52
C ALA C 200 50.98 11.31 -15.93
N SER C 201 52.24 11.32 -16.36
CA SER C 201 52.98 12.52 -16.85
C SER C 201 52.45 12.95 -18.22
N ASP C 202 51.94 11.99 -19.01
CA ASP C 202 51.25 12.20 -20.31
C ASP C 202 50.26 13.36 -20.21
N GLY C 203 49.47 13.39 -19.14
CA GLY C 203 48.19 14.12 -19.03
C GLY C 203 47.03 13.14 -19.12
N SER C 204 47.36 11.84 -19.19
CA SER C 204 46.43 10.70 -19.36
C SER C 204 46.20 10.03 -18.00
N PHE C 205 44.93 9.97 -17.56
CA PHE C 205 44.47 9.45 -16.24
C PHE C 205 44.47 7.91 -16.32
N SER C 206 45.65 7.32 -16.54
CA SER C 206 45.84 5.96 -17.10
C SER C 206 46.29 4.94 -16.05
N LEU C 207 46.75 5.38 -14.88
CA LEU C 207 47.16 4.47 -13.79
C LEU C 207 45.96 4.06 -12.96
N PRO C 208 45.69 2.74 -12.82
CA PRO C 208 44.66 2.24 -11.90
C PRO C 208 45.15 2.10 -10.45
N LEU C 209 44.23 2.21 -9.50
CA LEU C 209 44.36 1.86 -8.09
C LEU C 209 43.46 0.66 -7.91
N LYS C 210 43.59 -0.05 -6.80
CA LYS C 210 42.64 -1.17 -6.49
C LYS C 210 41.22 -0.63 -6.29
N PRO C 211 40.18 -1.22 -6.93
CA PRO C 211 38.82 -0.77 -6.71
C PRO C 211 38.21 -1.20 -5.38
N VAL C 212 37.60 -0.23 -4.72
CA VAL C 212 37.00 -0.38 -3.38
C VAL C 212 35.47 -0.45 -3.45
N ILE C 213 34.92 -1.57 -3.02
CA ILE C 213 33.45 -1.78 -2.97
C ILE C 213 32.81 -1.45 -1.61
N SER C 214 31.78 -0.62 -1.65
CA SER C 214 31.03 -0.17 -0.47
C SER C 214 30.12 -1.27 0.05
N GLN C 215 29.53 -0.99 1.19
CA GLN C 215 28.54 -1.88 1.82
C GLN C 215 27.25 -1.80 1.00
N PRO C 216 26.36 -2.81 1.10
CA PRO C 216 25.16 -2.85 0.28
C PRO C 216 24.22 -1.66 0.48
N ILE C 217 23.39 -1.37 -0.49
CA ILE C 217 22.45 -0.24 -0.39
C ILE C 217 21.12 -0.83 -0.71
N HIS C 218 20.20 -0.78 0.23
CA HIS C 218 18.84 -1.32 -0.01
C HIS C 218 17.91 -0.25 -0.56
N ASP C 219 17.09 -0.66 -1.52
CA ASP C 219 15.99 0.17 -2.03
C ASP C 219 15.04 0.45 -0.87
N SER C 220 14.78 1.70 -0.57
CA SER C 220 13.83 2.03 0.54
C SER C 220 12.45 1.46 0.22
N LYS C 221 12.08 1.59 -1.06
CA LYS C 221 10.79 1.12 -1.56
C LYS C 221 10.83 -0.32 -2.02
N SER C 222 11.10 -1.23 -1.09
CA SER C 222 11.27 -2.66 -1.39
C SER C 222 10.89 -3.48 -0.15
N PRO C 223 10.82 -4.83 -0.23
CA PRO C 223 10.12 -5.66 0.76
C PRO C 223 10.37 -5.47 2.27
N GLY C 224 11.59 -5.49 2.74
CA GLY C 224 11.83 -5.41 4.18
C GLY C 224 13.00 -4.51 4.45
N ALA C 225 13.13 -3.39 3.73
CA ALA C 225 14.38 -2.59 3.68
C ALA C 225 14.23 -1.18 4.25
N SER C 226 13.16 -0.91 4.98
CA SER C 226 13.11 0.27 5.88
C SER C 226 13.33 -0.15 7.33
N ASN C 227 13.36 0.84 8.22
CA ASN C 227 13.83 0.63 9.60
C ASN C 227 12.60 0.44 10.46
N LEU C 228 12.55 -0.70 11.13
CA LEU C 228 11.64 -1.01 12.23
C LEU C 228 11.70 0.14 13.20
N LYS C 229 10.58 0.79 13.45
CA LYS C 229 10.56 2.00 14.31
C LYS C 229 9.42 1.90 15.32
N ILE C 230 9.69 2.23 16.57
CA ILE C 230 8.62 2.33 17.57
C ILE C 230 8.30 3.82 17.63
N SER C 231 7.12 4.18 17.17
CA SER C 231 6.61 5.56 17.14
C SER C 231 6.29 5.99 18.55
N ARG C 232 5.39 5.23 19.18
CA ARG C 232 5.04 5.45 20.59
C ARG C 232 4.26 4.29 21.14
N MET C 233 4.16 4.24 22.47
CA MET C 233 3.41 3.18 23.15
C MET C 233 2.50 3.82 24.16
N ASP C 234 1.40 3.12 24.42
CA ASP C 234 0.47 3.60 25.46
C ASP C 234 1.02 3.39 26.89
N LYS C 235 1.75 2.35 27.27
CA LYS C 235 2.36 2.18 28.62
C LYS C 235 3.87 2.05 28.50
N THR C 236 4.59 2.62 29.46
CA THR C 236 6.03 2.43 29.63
C THR C 236 6.35 1.81 30.99
N ALA C 237 5.33 1.35 31.68
CA ALA C 237 5.49 0.72 32.99
C ALA C 237 4.38 -0.30 33.15
N GLY C 238 4.62 -1.17 34.10
CA GLY C 238 3.80 -2.35 34.36
C GLY C 238 4.03 -2.87 35.74
N SER C 239 3.57 -4.10 35.93
CA SER C 239 3.88 -4.92 37.12
C SER C 239 4.74 -6.08 36.72
N VAL C 240 5.54 -6.55 37.67
CA VAL C 240 6.44 -7.71 37.50
C VAL C 240 5.63 -8.92 37.02
N ARG C 241 4.32 -8.92 37.24
CA ARG C 241 3.42 -10.05 36.94
C ARG C 241 3.18 -10.20 35.42
N GLY C 242 3.46 -9.16 34.66
CA GLY C 242 3.12 -9.18 33.23
C GLY C 242 1.61 -9.17 33.04
N GLY C 243 1.25 -9.32 31.79
CA GLY C 243 -0.14 -9.45 31.35
C GLY C 243 -0.78 -8.11 31.17
N ASP C 244 0.01 -7.04 31.33
CA ASP C 244 -0.46 -5.65 31.14
C ASP C 244 -0.52 -5.34 29.64
N GLU C 245 -1.67 -4.88 29.18
CA GLU C 245 -1.90 -4.65 27.73
C GLU C 245 -1.38 -3.27 27.29
N VAL C 246 -0.52 -3.31 26.29
CA VAL C 246 0.15 -2.15 25.66
C VAL C 246 -0.25 -2.02 24.18
N TYR C 247 -0.58 -0.81 23.75
CA TYR C 247 -0.83 -0.40 22.35
C TYR C 247 0.49 0.17 21.86
N LEU C 248 1.11 -0.47 20.88
CA LEU C 248 2.40 0.00 20.34
C LEU C 248 2.17 0.47 18.92
N LEU C 249 2.57 1.69 18.60
CA LEU C 249 2.47 2.22 17.22
C LEU C 249 3.81 2.02 16.57
N CYS C 250 3.82 1.39 15.40
CA CYS C 250 5.02 1.08 14.56
C CYS C 250 5.00 1.76 13.17
N ASP C 251 6.11 1.59 12.46
CA ASP C 251 6.34 2.19 11.14
C ASP C 251 5.71 1.23 10.11
N LYS C 252 6.17 -0.02 10.11
CA LYS C 252 5.45 -1.07 9.36
C LYS C 252 5.79 -2.40 10.03
N VAL C 253 4.95 -3.37 9.83
CA VAL C 253 5.22 -4.74 10.33
C VAL C 253 4.76 -5.70 9.26
N GLN C 254 5.37 -6.87 9.09
CA GLN C 254 4.63 -7.97 8.41
C GLN C 254 3.92 -8.78 9.51
N LYS C 255 2.60 -8.97 9.42
CA LYS C 255 1.78 -9.31 10.60
C LYS C 255 2.30 -10.56 11.30
N ASP C 256 2.78 -11.55 10.57
CA ASP C 256 3.14 -12.81 11.22
C ASP C 256 4.64 -13.04 11.24
N ASP C 257 5.36 -11.99 10.99
CA ASP C 257 6.83 -11.92 10.97
C ASP C 257 7.38 -11.52 12.34
N ILE C 258 6.70 -10.56 12.97
CA ILE C 258 7.27 -9.67 14.02
C ILE C 258 7.01 -10.16 15.45
N GLU C 259 7.87 -9.71 16.36
CA GLU C 259 7.74 -10.02 17.79
C GLU C 259 8.17 -8.81 18.61
N VAL C 260 7.95 -8.93 19.92
CA VAL C 260 8.19 -7.80 20.84
C VAL C 260 9.05 -8.35 21.97
N ARG C 261 10.35 -8.16 21.76
CA ARG C 261 11.42 -8.72 22.61
C ARG C 261 11.73 -7.81 23.79
N PHE C 262 11.48 -8.30 25.01
CA PHE C 262 11.92 -7.60 26.23
C PHE C 262 13.23 -8.23 26.68
N TYR C 263 14.13 -7.46 27.25
CA TYR C 263 15.49 -7.97 27.53
C TYR C 263 16.20 -7.00 28.45
N GLU C 264 17.22 -7.51 29.12
CA GLU C 264 18.16 -6.83 30.03
C GLU C 264 19.51 -6.52 29.36
N ASP C 265 20.24 -5.60 29.98
CA ASP C 265 21.55 -5.13 29.48
C ASP C 265 22.63 -6.14 29.87
N ASP C 266 22.58 -7.33 29.27
CA ASP C 266 23.60 -8.42 29.29
C ASP C 266 23.91 -8.79 30.75
N GLU C 267 22.99 -8.46 31.67
CA GLU C 267 22.90 -9.05 33.02
C GLU C 267 23.12 -10.57 32.86
N ASN C 268 22.21 -11.22 32.14
CA ASN C 268 22.37 -12.62 31.66
C ASN C 268 21.98 -12.70 30.19
N GLY C 269 21.48 -11.59 29.62
CA GLY C 269 20.67 -11.54 28.40
C GLY C 269 19.35 -12.25 28.61
N TRP C 270 18.71 -12.04 29.76
CA TRP C 270 17.32 -12.51 30.00
C TRP C 270 16.41 -11.93 28.91
N GLN C 271 15.49 -12.72 28.39
CA GLN C 271 14.56 -12.14 27.41
C GLN C 271 13.23 -12.88 27.49
N ALA C 272 12.17 -12.12 27.20
CA ALA C 272 10.83 -12.69 27.04
C ALA C 272 10.12 -11.91 25.95
N PHE C 273 8.88 -12.27 25.71
CA PHE C 273 8.11 -11.78 24.53
C PHE C 273 6.69 -11.26 24.85
N GLY C 274 6.23 -10.39 23.94
CA GLY C 274 4.86 -9.90 23.93
C GLY C 274 3.91 -11.03 23.71
N ASP C 275 2.68 -10.86 24.19
CA ASP C 275 1.61 -11.86 24.04
C ASP C 275 0.54 -11.24 23.14
N PHE C 276 0.39 -11.83 21.96
CA PHE C 276 -0.56 -11.32 20.97
C PHE C 276 -0.63 -12.28 19.82
N SER C 277 -1.76 -12.30 19.11
CA SER C 277 -1.92 -13.05 17.86
C SER C 277 -1.70 -12.06 16.72
N PRO C 278 -1.40 -12.52 15.50
CA PRO C 278 -1.37 -11.59 14.35
C PRO C 278 -2.63 -10.73 14.18
N THR C 279 -3.75 -11.16 14.77
CA THR C 279 -5.03 -10.45 14.83
C THR C 279 -4.82 -9.15 15.59
N ASP C 280 -3.88 -9.20 16.51
CA ASP C 280 -3.56 -8.11 17.43
C ASP C 280 -2.66 -7.08 16.77
N VAL C 281 -2.05 -7.44 15.66
CA VAL C 281 -1.25 -6.48 14.86
C VAL C 281 -2.24 -5.85 13.93
N HIS C 282 -2.54 -4.59 14.19
CA HIS C 282 -3.58 -3.82 13.45
C HIS C 282 -2.97 -3.12 12.21
N LYS C 283 -3.11 -3.77 11.06
CA LYS C 283 -2.88 -3.18 9.71
C LYS C 283 -1.50 -2.53 9.56
N GLN C 284 -0.45 -3.31 9.82
CA GLN C 284 0.98 -2.97 9.56
C GLN C 284 1.47 -1.74 10.35
N TYR C 285 0.66 -1.19 11.21
CA TYR C 285 1.07 0.04 11.94
C TYR C 285 0.83 -0.03 13.47
N ALA C 286 0.43 -1.16 14.01
CA ALA C 286 0.23 -1.16 15.47
C ALA C 286 0.15 -2.58 15.96
N ILE C 287 0.40 -2.73 17.23
CA ILE C 287 0.43 -4.04 17.91
C ILE C 287 -0.26 -3.86 19.25
N VAL C 288 -1.25 -4.67 19.57
CA VAL C 288 -1.81 -4.68 20.94
C VAL C 288 -1.26 -5.95 21.53
N PHE C 289 -0.40 -5.80 22.53
CA PHE C 289 0.14 -6.96 23.23
C PHE C 289 0.02 -6.88 24.75
N ARG C 290 0.16 -8.04 25.36
CA ARG C 290 0.22 -8.15 26.84
C ARG C 290 1.68 -8.38 27.21
N THR C 291 2.21 -7.52 28.09
CA THR C 291 3.61 -7.61 28.61
C THR C 291 3.92 -8.97 29.19
N PRO C 292 5.18 -9.44 29.10
CA PRO C 292 5.52 -10.70 29.73
C PRO C 292 5.85 -10.52 31.20
N PRO C 293 5.80 -11.57 32.03
CA PRO C 293 6.26 -11.43 33.41
C PRO C 293 7.79 -11.28 33.46
N TYR C 294 8.29 -10.46 34.39
CA TYR C 294 9.73 -10.33 34.64
C TYR C 294 10.25 -11.63 35.27
N HIS C 295 11.53 -11.96 35.05
CA HIS C 295 12.03 -13.30 35.47
C HIS C 295 11.97 -13.52 36.99
N LYS C 296 12.20 -12.44 37.73
CA LYS C 296 12.35 -12.49 39.22
C LYS C 296 11.31 -11.55 39.84
N MET C 297 10.25 -12.12 40.40
CA MET C 297 9.21 -11.33 41.10
C MET C 297 9.65 -10.98 42.51
N LYS C 298 8.86 -10.12 43.14
CA LYS C 298 9.24 -9.45 44.41
C LYS C 298 10.68 -8.91 44.32
N ILE C 299 10.93 -8.15 43.28
CA ILE C 299 12.06 -7.17 43.24
C ILE C 299 11.75 -6.08 44.25
N GLU C 300 12.70 -5.74 45.11
CA GLU C 300 12.33 -4.81 46.20
C GLU C 300 11.89 -3.44 45.67
N ARG C 301 12.71 -2.86 44.79
CA ARG C 301 12.36 -1.60 44.09
C ARG C 301 12.29 -1.83 42.59
N PRO C 302 11.66 -0.91 41.78
CA PRO C 302 11.37 -1.01 40.34
C PRO C 302 12.58 -1.20 39.42
N VAL C 303 12.43 -1.96 38.36
CA VAL C 303 13.54 -2.35 37.45
C VAL C 303 13.20 -1.89 36.04
N THR C 304 14.13 -1.23 35.41
CA THR C 304 13.97 -0.79 34.01
C THR C 304 14.65 -1.80 33.11
N VAL C 305 13.91 -2.25 32.13
CA VAL C 305 14.30 -3.24 31.12
C VAL C 305 14.08 -2.52 29.80
N PHE C 306 14.42 -3.22 28.73
CA PHE C 306 14.21 -2.74 27.34
C PHE C 306 13.19 -3.64 26.66
N LEU C 307 12.49 -3.04 25.71
CA LEU C 307 11.65 -3.80 24.78
C LEU C 307 12.02 -3.31 23.41
N GLN C 308 11.78 -4.13 22.42
CA GLN C 308 12.17 -3.81 21.04
C GLN C 308 11.36 -4.68 20.14
N LEU C 309 11.16 -4.23 18.93
CA LEU C 309 10.57 -5.04 17.87
C LEU C 309 11.70 -5.87 17.30
N LYS C 310 11.41 -7.09 16.99
CA LYS C 310 12.39 -7.99 16.36
C LYS C 310 11.69 -8.83 15.31
N ARG C 311 12.15 -8.76 14.05
CA ARG C 311 11.67 -9.65 13.00
C ARG C 311 12.03 -11.07 13.37
N LYS C 312 11.06 -11.99 13.45
CA LYS C 312 11.35 -13.39 13.85
C LYS C 312 12.29 -14.02 12.82
N ARG C 313 11.92 -13.81 11.56
CA ARG C 313 12.64 -14.34 10.40
C ARG C 313 14.09 -13.86 10.49
N GLY C 314 14.28 -12.54 10.43
CA GLY C 314 15.61 -11.93 10.32
C GLY C 314 16.25 -11.81 11.68
N GLY C 315 17.25 -10.95 11.79
CA GLY C 315 17.82 -10.55 13.08
C GLY C 315 17.29 -9.21 13.56
N ASP C 316 16.71 -8.48 12.59
CA ASP C 316 16.54 -7.01 12.48
C ASP C 316 15.72 -6.52 13.65
N VAL C 317 16.14 -5.42 14.22
CA VAL C 317 15.51 -4.96 15.49
C VAL C 317 15.17 -3.50 15.32
N SER C 318 14.17 -2.99 16.03
CA SER C 318 13.89 -1.57 16.08
C SER C 318 14.75 -0.95 17.16
N ASP C 319 14.77 0.36 17.22
CA ASP C 319 15.36 1.11 18.36
C ASP C 319 14.62 0.61 19.58
N SER C 320 15.35 0.25 20.61
CA SER C 320 14.76 -0.19 21.92
C SER C 320 14.23 0.99 22.76
N LYS C 321 13.09 0.76 23.40
CA LYS C 321 12.45 1.69 24.32
C LYS C 321 12.55 1.05 25.69
N GLN C 322 12.59 1.90 26.72
CA GLN C 322 12.63 1.50 28.15
C GLN C 322 11.24 1.15 28.66
N PHE C 323 11.18 0.19 29.58
CA PHE C 323 9.94 -0.21 30.24
C PHE C 323 10.35 -0.53 31.66
N THR C 324 9.55 -0.10 32.62
CA THR C 324 9.89 -0.26 34.05
C THR C 324 8.90 -1.22 34.69
N TYR C 325 9.44 -2.29 35.26
CA TYR C 325 8.67 -3.27 36.00
C TYR C 325 8.52 -2.75 37.42
N TYR C 326 7.37 -3.03 37.98
CA TYR C 326 7.06 -2.68 39.39
C TYR C 326 6.81 -3.96 40.20
N PRO C 327 7.18 -3.93 41.51
CA PRO C 327 6.91 -5.00 42.50
C PRO C 327 5.43 -5.25 42.82
N LEU C 328 5.14 -6.19 43.72
CA LEU C 328 3.75 -6.67 43.99
C LEU C 328 3.20 -6.03 45.27
N VAL C 329 1.86 -5.96 45.39
CA VAL C 329 1.08 -5.59 46.62
C VAL C 329 -0.42 -5.82 46.33
#